data_5CE6
#
_entry.id   5CE6
#
_cell.length_a   46.019
_cell.length_b   69.112
_cell.length_c   71.587
_cell.angle_alpha   90.00
_cell.angle_beta   102.92
_cell.angle_gamma   90.00
#
_symmetry.space_group_name_H-M   'P 1 21 1'
#
loop_
_entity.id
_entity.type
_entity.pdbx_description
1 polymer FACT-Spt16
2 non-polymer 'ACETATE ION'
3 non-polymer 'POTASSIUM ION'
4 non-polymer 'SODIUM ION'
5 water water
#
_entity_poly.entity_id   1
_entity_poly.type   'polypeptide(L)'
_entity_poly.pdbx_seq_one_letter_code
;SADHRNGTQAANGKASAAGSAYSIDLNTFQTRLKAFYSHWDDRRTDLWGSSDAIAVACPPPSEDLRYLKSTALFLWLLGF
EFPETIMVFTKKQIHVLCSQKKASILESVKKPARESVGVEIILHVKPKNDDGASSMDAIIRAIRAQSKSDGHDSSTVGHI
AREEPEGRLLDLWAEKLKNSKFRLSDVANGFSALFAAKSNEEITYIKRAAYLTGSVMKNFVVTKLENVIDEEKKILHSTL
MEETEKVILDPAKVNCKLKADNVDICYPPIFQSGGKFDLRPSAVSNDEALYYDSASVIICAVGARYKSYCSNIARTFLID
ADPIQSKAYEVLLKAQEAVIGSLKPGNKLSAAYLAAVSVVEKDAPDMVSCLTKSAGTGIGIEFRESGLNINAKNDQIVKE
GMVFNVSLGFQNLHCENSKSKNKVFSLLLADTIIINKDKTDVVTSIGSKALKDVAYSFNEDEEEEKPTSKAVPSGAEPLM
;
_entity_poly.pdbx_strand_id   A
#
# COMPACT_ATOMS: atom_id res chain seq x y z
N SER A 23 -25.38 -6.50 1.34
CA SER A 23 -24.02 -6.31 1.86
C SER A 23 -22.94 -6.88 0.93
N ILE A 24 -22.80 -8.19 0.90
CA ILE A 24 -21.72 -8.82 0.14
C ILE A 24 -22.03 -8.99 -1.34
N ASP A 25 -21.14 -8.46 -2.19
CA ASP A 25 -21.22 -8.65 -3.62
C ASP A 25 -20.92 -10.11 -3.95
N LEU A 26 -21.98 -10.91 -4.17
CA LEU A 26 -21.82 -12.35 -4.42
C LEU A 26 -21.12 -12.68 -5.73
N ASN A 27 -21.31 -11.85 -6.75
CA ASN A 27 -20.69 -12.08 -8.06
C ASN A 27 -19.17 -11.91 -7.97
N THR A 28 -18.76 -10.83 -7.31
CA THR A 28 -17.34 -10.56 -7.08
C THR A 28 -16.72 -11.67 -6.23
N PHE A 29 -17.42 -12.08 -5.17
CA PHE A 29 -16.97 -13.15 -4.31
C PHE A 29 -16.70 -14.43 -5.12
N GLN A 30 -17.64 -14.80 -5.99
CA GLN A 30 -17.49 -16.02 -6.79
C GLN A 30 -16.31 -15.95 -7.74
N THR A 31 -16.20 -14.83 -8.44
CA THR A 31 -15.13 -14.62 -9.40
C THR A 31 -13.77 -14.67 -8.70
N ARG A 32 -13.68 -13.99 -7.57
CA ARG A 32 -12.42 -13.93 -6.85
C ARG A 32 -12.07 -15.22 -6.10
N LEU A 33 -13.09 -15.93 -5.59
CA LEU A 33 -12.83 -17.23 -4.95
C LEU A 33 -12.29 -18.21 -5.99
N LYS A 34 -12.87 -18.17 -7.19
CA LYS A 34 -12.40 -19.01 -8.29
C LYS A 34 -10.97 -18.66 -8.66
N ALA A 35 -10.70 -17.36 -8.79
CA ALA A 35 -9.36 -16.88 -9.11
C ALA A 35 -8.35 -17.37 -8.09
N PHE A 36 -8.70 -17.25 -6.81
CA PHE A 36 -7.88 -17.73 -5.71
C PHE A 36 -7.62 -19.25 -5.81
N TYR A 37 -8.68 -20.06 -5.86
CA TYR A 37 -8.50 -21.51 -5.92
C TYR A 37 -7.72 -21.96 -7.17
N SER A 38 -7.94 -21.29 -8.29
CA SER A 38 -7.21 -21.58 -9.52
C SER A 38 -5.72 -21.30 -9.37
N HIS A 39 -5.41 -20.12 -8.86
CA HIS A 39 -4.02 -19.66 -8.71
C HIS A 39 -3.31 -20.56 -7.71
N TRP A 40 -4.01 -20.86 -6.62
CA TRP A 40 -3.51 -21.73 -5.57
C TRP A 40 -3.13 -23.08 -6.19
N ASP A 41 -4.01 -23.61 -7.02
CA ASP A 41 -3.78 -24.91 -7.63
C ASP A 41 -2.68 -24.84 -8.69
N ASP A 42 -2.74 -23.79 -9.51
CA ASP A 42 -1.77 -23.61 -10.60
C ASP A 42 -0.35 -23.49 -10.08
N ARG A 43 -0.19 -22.77 -8.98
CA ARG A 43 1.13 -22.46 -8.45
C ARG A 43 1.33 -22.96 -7.02
N ARG A 44 0.80 -24.15 -6.72
CA ARG A 44 0.83 -24.68 -5.36
C ARG A 44 2.24 -24.76 -4.76
N THR A 45 3.16 -25.35 -5.50
CA THR A 45 4.54 -25.54 -5.04
C THR A 45 5.34 -24.25 -5.11
N ASP A 46 5.15 -23.50 -6.19
CA ASP A 46 6.00 -22.37 -6.52
C ASP A 46 5.74 -21.13 -5.67
N LEU A 47 4.46 -20.87 -5.39
CA LEU A 47 4.08 -19.64 -4.71
C LEU A 47 3.27 -19.91 -3.43
N TRP A 48 2.67 -21.09 -3.34
CA TRP A 48 1.78 -21.38 -2.22
C TRP A 48 2.34 -22.42 -1.25
N GLY A 49 3.66 -22.55 -1.24
CA GLY A 49 4.36 -23.41 -0.30
C GLY A 49 3.86 -24.83 -0.18
N SER A 50 3.38 -25.40 -1.29
CA SER A 50 2.84 -26.76 -1.33
C SER A 50 1.69 -27.00 -0.35
N SER A 51 0.93 -25.94 -0.06
N SER A 51 0.91 -25.95 -0.09
CA SER A 51 -0.10 -26.03 0.97
CA SER A 51 -0.15 -26.00 0.91
C SER A 51 -1.37 -26.76 0.54
C SER A 51 -1.37 -26.81 0.50
N ASP A 52 -1.91 -27.56 1.45
CA ASP A 52 -3.15 -28.29 1.24
C ASP A 52 -4.29 -27.45 1.76
N ALA A 53 -3.96 -26.54 2.68
CA ALA A 53 -4.94 -25.64 3.28
C ALA A 53 -4.28 -24.29 3.56
N ILE A 54 -5.06 -23.22 3.60
CA ILE A 54 -4.52 -21.88 3.88
C ILE A 54 -5.33 -21.20 4.96
N ALA A 55 -4.64 -20.70 5.99
CA ALA A 55 -5.30 -20.06 7.12
C ALA A 55 -4.98 -18.57 7.13
N VAL A 56 -6.02 -17.74 7.20
CA VAL A 56 -5.81 -16.32 7.37
C VAL A 56 -6.58 -15.87 8.61
N ALA A 57 -6.06 -14.88 9.31
CA ALA A 57 -6.68 -14.44 10.56
C ALA A 57 -6.46 -12.96 10.80
N CYS A 58 -7.52 -12.28 11.23
CA CYS A 58 -7.48 -10.85 11.47
C CYS A 58 -7.77 -10.55 12.94
N PRO A 59 -7.03 -9.59 13.52
CA PRO A 59 -7.14 -9.21 14.93
C PRO A 59 -8.37 -8.35 15.21
N PRO A 60 -8.67 -8.09 16.49
CA PRO A 60 -9.76 -7.16 16.83
C PRO A 60 -9.48 -5.78 16.24
N PRO A 61 -10.52 -4.92 16.12
CA PRO A 61 -10.28 -3.59 15.54
C PRO A 61 -9.24 -2.81 16.33
N SER A 62 -8.37 -2.08 15.64
CA SER A 62 -7.34 -1.26 16.29
C SER A 62 -7.20 0.09 15.60
N ARG A 66 -1.55 0.12 10.66
CA ARG A 66 -0.90 -1.02 10.02
C ARG A 66 -1.78 -1.64 8.96
N TYR A 67 -1.17 -2.04 7.85
CA TYR A 67 -1.88 -2.76 6.80
C TYR A 67 -1.59 -4.23 6.96
N LEU A 68 -2.63 -5.06 6.84
CA LEU A 68 -2.44 -6.50 6.92
C LEU A 68 -2.86 -7.16 5.63
N LYS A 69 -2.01 -8.03 5.13
CA LYS A 69 -2.35 -8.83 3.97
C LYS A 69 -3.59 -9.69 4.26
N SER A 70 -3.76 -10.14 5.49
N SER A 70 -3.73 -10.14 5.50
CA SER A 70 -4.94 -10.93 5.82
CA SER A 70 -4.90 -10.92 5.92
C SER A 70 -6.20 -10.09 5.71
C SER A 70 -6.16 -10.09 5.71
N THR A 71 -6.11 -8.84 6.18
CA THR A 71 -7.23 -7.92 6.05
C THR A 71 -7.55 -7.68 4.58
N ALA A 72 -6.49 -7.50 3.79
CA ALA A 72 -6.66 -7.31 2.36
C ALA A 72 -7.40 -8.47 1.69
N LEU A 73 -7.12 -9.70 2.11
CA LEU A 73 -7.83 -10.84 1.53
C LEU A 73 -9.33 -10.78 1.83
N PHE A 74 -9.69 -10.50 3.09
CA PHE A 74 -11.10 -10.32 3.43
C PHE A 74 -11.76 -9.22 2.62
N LEU A 75 -11.10 -8.07 2.48
CA LEU A 75 -11.63 -6.97 1.68
C LEU A 75 -11.76 -7.37 0.21
N TRP A 76 -10.75 -8.07 -0.30
CA TRP A 76 -10.74 -8.49 -1.70
C TRP A 76 -11.86 -9.48 -1.98
N LEU A 77 -12.00 -10.45 -1.09
CA LEU A 77 -12.94 -11.55 -1.29
C LEU A 77 -14.39 -11.12 -0.98
N LEU A 78 -14.56 -10.43 0.14
CA LEU A 78 -15.87 -10.18 0.72
C LEU A 78 -16.31 -8.72 0.69
N GLY A 79 -15.37 -7.82 0.49
CA GLY A 79 -15.68 -6.40 0.38
C GLY A 79 -15.76 -5.69 1.71
N PHE A 80 -15.47 -6.41 2.80
CA PHE A 80 -15.55 -5.86 4.14
C PHE A 80 -14.50 -6.50 5.04
N GLU A 81 -14.10 -5.78 6.08
CA GLU A 81 -13.23 -6.34 7.09
C GLU A 81 -14.03 -7.26 7.98
N PHE A 82 -13.36 -8.31 8.48
CA PHE A 82 -13.93 -9.22 9.46
C PHE A 82 -12.94 -9.35 10.60
N PRO A 83 -12.97 -8.39 11.54
CA PRO A 83 -12.01 -8.42 12.66
C PRO A 83 -12.28 -9.61 13.56
N GLU A 84 -11.27 -10.03 14.32
CA GLU A 84 -11.33 -11.20 15.19
C GLU A 84 -11.99 -12.41 14.51
N THR A 85 -11.51 -12.70 13.30
CA THR A 85 -12.06 -13.79 12.50
C THR A 85 -10.90 -14.64 11.95
N ILE A 86 -11.08 -15.95 11.98
CA ILE A 86 -10.14 -16.87 11.35
C ILE A 86 -10.84 -17.56 10.17
N MET A 87 -10.19 -17.61 9.02
CA MET A 87 -10.76 -18.29 7.87
C MET A 87 -9.76 -19.28 7.31
N VAL A 88 -10.19 -20.53 7.13
CA VAL A 88 -9.31 -21.58 6.64
C VAL A 88 -9.85 -22.23 5.37
N PHE A 89 -9.08 -22.14 4.30
CA PHE A 89 -9.47 -22.72 3.02
C PHE A 89 -8.89 -24.11 2.89
N THR A 90 -9.73 -25.08 2.52
CA THR A 90 -9.26 -26.40 2.16
C THR A 90 -9.75 -26.72 0.75
N LYS A 91 -9.41 -27.90 0.24
CA LYS A 91 -9.82 -28.27 -1.10
C LYS A 91 -11.34 -28.24 -1.29
N LYS A 92 -12.07 -28.68 -0.26
CA LYS A 92 -13.51 -28.86 -0.39
C LYS A 92 -14.35 -28.02 0.58
N GLN A 93 -13.68 -27.35 1.52
CA GLN A 93 -14.38 -26.57 2.54
C GLN A 93 -13.69 -25.24 2.82
N ILE A 94 -14.46 -24.29 3.35
CA ILE A 94 -13.89 -23.07 3.93
C ILE A 94 -14.45 -22.97 5.34
N HIS A 95 -13.58 -22.98 6.33
CA HIS A 95 -14.00 -22.88 7.71
C HIS A 95 -13.81 -21.46 8.22
N VAL A 96 -14.81 -20.93 8.90
CA VAL A 96 -14.72 -19.59 9.44
C VAL A 96 -15.03 -19.67 10.93
N LEU A 97 -14.18 -19.05 11.75
CA LEU A 97 -14.43 -18.94 13.19
C LEU A 97 -14.66 -17.47 13.47
N CYS A 98 -15.86 -17.10 13.91
CA CYS A 98 -16.24 -15.69 14.03
C CYS A 98 -17.44 -15.53 14.94
N SER A 99 -17.84 -14.28 15.17
CA SER A 99 -19.01 -13.97 15.99
C SER A 99 -20.31 -14.43 15.31
N GLN A 100 -21.37 -14.57 16.09
CA GLN A 100 -22.68 -14.91 15.53
C GLN A 100 -23.10 -13.90 14.46
N LYS A 101 -22.85 -12.63 14.73
CA LYS A 101 -23.24 -11.56 13.81
C LYS A 101 -22.58 -11.70 12.45
N LYS A 102 -21.28 -12.00 12.45
CA LYS A 102 -20.55 -12.18 11.20
C LYS A 102 -20.99 -13.47 10.50
N ALA A 103 -21.33 -14.47 11.30
CA ALA A 103 -21.77 -15.75 10.75
C ALA A 103 -23.10 -15.61 10.00
N SER A 104 -24.02 -14.82 10.56
CA SER A 104 -25.31 -14.59 9.92
C SER A 104 -25.12 -13.87 8.59
N ILE A 105 -24.08 -13.04 8.54
CA ILE A 105 -23.74 -12.32 7.32
C ILE A 105 -23.16 -13.29 6.29
N LEU A 106 -22.29 -14.18 6.75
CA LEU A 106 -21.59 -15.11 5.85
C LEU A 106 -22.50 -16.24 5.34
N GLU A 107 -23.67 -16.41 5.93
CA GLU A 107 -24.63 -17.40 5.43
C GLU A 107 -24.88 -17.24 3.93
N SER A 108 -24.86 -15.99 3.47
CA SER A 108 -25.23 -15.67 2.10
C SER A 108 -24.21 -16.14 1.04
N VAL A 109 -22.98 -16.45 1.47
CA VAL A 109 -21.96 -16.88 0.53
C VAL A 109 -21.81 -18.40 0.44
N LYS A 110 -22.61 -19.14 1.22
CA LYS A 110 -22.56 -20.60 1.16
C LYS A 110 -22.92 -21.14 -0.23
N LYS A 111 -24.07 -20.73 -0.75
CA LYS A 111 -24.47 -21.17 -2.08
C LYS A 111 -23.49 -20.70 -3.18
N PRO A 112 -23.13 -19.41 -3.19
CA PRO A 112 -22.14 -18.95 -4.18
C PRO A 112 -20.80 -19.68 -4.11
N ALA A 113 -20.36 -20.06 -2.92
CA ALA A 113 -19.09 -20.79 -2.78
C ALA A 113 -19.22 -22.20 -3.36
N ARG A 114 -20.36 -22.83 -3.09
CA ARG A 114 -20.65 -24.15 -3.66
C ARG A 114 -20.62 -24.09 -5.19
N GLU A 115 -21.31 -23.09 -5.73
CA GLU A 115 -21.53 -23.02 -7.18
C GLU A 115 -20.33 -22.51 -7.96
N SER A 116 -19.34 -21.97 -7.26
CA SER A 116 -18.16 -21.42 -7.91
C SER A 116 -16.95 -22.37 -7.89
N VAL A 117 -16.60 -22.88 -6.71
CA VAL A 117 -15.42 -23.74 -6.60
C VAL A 117 -15.71 -25.10 -5.97
N GLY A 118 -16.99 -25.40 -5.75
CA GLY A 118 -17.39 -26.67 -5.21
C GLY A 118 -17.07 -26.84 -3.73
N VAL A 119 -16.95 -25.74 -3.01
CA VAL A 119 -16.62 -25.83 -1.58
C VAL A 119 -17.80 -25.60 -0.64
N GLU A 120 -17.73 -26.24 0.52
CA GLU A 120 -18.72 -26.10 1.57
C GLU A 120 -18.21 -25.12 2.63
N ILE A 121 -18.91 -24.02 2.81
CA ILE A 121 -18.57 -23.10 3.89
C ILE A 121 -19.13 -23.58 5.22
N ILE A 122 -18.23 -23.68 6.21
CA ILE A 122 -18.64 -24.17 7.53
C ILE A 122 -18.42 -23.06 8.53
N LEU A 123 -19.49 -22.61 9.18
CA LEU A 123 -19.37 -21.48 10.08
C LEU A 123 -19.30 -21.94 11.54
N HIS A 124 -18.22 -21.60 12.21
CA HIS A 124 -18.06 -21.94 13.62
C HIS A 124 -18.26 -20.67 14.43
N VAL A 125 -19.38 -20.61 15.16
CA VAL A 125 -19.73 -19.39 15.90
C VAL A 125 -19.05 -19.34 17.26
N LYS A 126 -18.30 -18.27 17.51
CA LYS A 126 -17.66 -18.08 18.81
C LYS A 126 -18.45 -17.13 19.70
N PRO A 127 -18.86 -17.61 20.88
CA PRO A 127 -19.47 -16.79 21.93
C PRO A 127 -18.49 -15.68 22.34
N LYS A 128 -19.02 -14.51 22.72
CA LYS A 128 -18.19 -13.35 23.03
C LYS A 128 -17.16 -13.62 24.13
N ASN A 129 -17.56 -14.40 25.13
CA ASN A 129 -16.71 -14.68 26.28
C ASN A 129 -16.00 -16.03 26.19
N ASP A 130 -16.13 -16.67 25.03
CA ASP A 130 -15.44 -17.93 24.77
C ASP A 130 -14.12 -17.60 24.07
N ASP A 131 -13.10 -18.44 24.26
CA ASP A 131 -11.82 -18.21 23.62
C ASP A 131 -11.74 -18.88 22.25
N GLY A 132 -12.74 -19.71 21.94
CA GLY A 132 -12.83 -20.33 20.63
C GLY A 132 -11.97 -21.58 20.46
N ALA A 133 -11.41 -22.06 21.56
CA ALA A 133 -10.46 -23.18 21.52
C ALA A 133 -11.02 -24.46 20.91
N SER A 134 -12.23 -24.86 21.32
CA SER A 134 -12.83 -26.07 20.76
C SER A 134 -13.08 -25.97 19.25
N SER A 135 -13.50 -24.80 18.79
CA SER A 135 -13.71 -24.59 17.37
C SER A 135 -12.41 -24.65 16.57
N MET A 136 -11.32 -24.15 17.16
CA MET A 136 -10.03 -24.24 16.50
C MET A 136 -9.61 -25.70 16.35
N ASP A 137 -9.85 -26.50 17.39
CA ASP A 137 -9.53 -27.92 17.33
C ASP A 137 -10.34 -28.63 16.25
N ALA A 138 -11.61 -28.26 16.12
CA ALA A 138 -12.47 -28.85 15.08
C ALA A 138 -11.96 -28.50 13.69
N ILE A 139 -11.61 -27.23 13.50
CA ILE A 139 -11.06 -26.78 12.22
C ILE A 139 -9.77 -27.54 11.89
N ILE A 140 -8.91 -27.70 12.90
CA ILE A 140 -7.65 -28.41 12.73
C ILE A 140 -7.89 -29.89 12.39
N ARG A 141 -8.90 -30.50 12.99
CA ARG A 141 -9.28 -31.88 12.63
C ARG A 141 -9.76 -32.00 11.19
N ALA A 142 -10.52 -31.01 10.72
CA ALA A 142 -11.04 -31.04 9.35
C ALA A 142 -9.91 -30.94 8.33
N ILE A 143 -8.96 -30.04 8.59
CA ILE A 143 -7.77 -29.92 7.75
C ILE A 143 -7.07 -31.27 7.60
N ARG A 144 -6.87 -31.95 8.72
CA ARG A 144 -6.26 -33.27 8.72
C ARG A 144 -7.11 -34.27 7.93
N ALA A 145 -8.42 -34.21 8.13
CA ALA A 145 -9.35 -35.11 7.46
C ALA A 145 -9.24 -34.99 5.94
N GLN A 146 -9.20 -33.76 5.45
CA GLN A 146 -9.00 -33.50 4.03
C GLN A 146 -7.63 -34.00 3.60
N SER A 147 -7.62 -35.23 3.08
CA SER A 147 -6.43 -36.02 2.81
C SER A 147 -6.88 -37.45 2.54
N SER A 154 0.42 -36.27 5.01
CA SER A 154 0.61 -35.16 5.93
C SER A 154 -0.07 -33.89 5.43
N SER A 155 -0.17 -32.88 6.29
CA SER A 155 -0.78 -31.61 5.91
C SER A 155 0.19 -30.45 5.92
N THR A 156 0.14 -29.64 4.87
CA THR A 156 0.87 -28.39 4.84
C THR A 156 -0.13 -27.24 4.85
N VAL A 157 -0.09 -26.44 5.90
CA VAL A 157 -0.95 -25.27 6.01
C VAL A 157 -0.17 -24.01 5.68
N GLY A 158 -0.65 -23.27 4.68
CA GLY A 158 -0.05 -22.00 4.35
C GLY A 158 -0.60 -20.90 5.22
N HIS A 159 0.27 -19.99 5.66
CA HIS A 159 -0.17 -18.80 6.37
C HIS A 159 0.71 -17.63 5.98
N ILE A 160 0.28 -16.42 6.34
CA ILE A 160 1.07 -15.24 6.07
C ILE A 160 2.02 -15.12 7.26
N ALA A 161 3.17 -15.79 7.14
CA ALA A 161 4.03 -16.05 8.30
C ALA A 161 4.57 -14.78 8.97
N ARG A 162 4.76 -13.73 8.19
CA ARG A 162 5.37 -12.50 8.70
C ARG A 162 4.42 -11.68 9.58
N GLU A 163 3.14 -12.04 9.57
CA GLU A 163 2.18 -11.33 10.40
C GLU A 163 2.30 -11.74 11.85
N GLU A 164 2.38 -10.76 12.74
CA GLU A 164 2.40 -11.00 14.17
C GLU A 164 0.98 -11.12 14.69
N PRO A 165 0.68 -12.22 15.40
CA PRO A 165 -0.65 -12.34 16.00
C PRO A 165 -0.88 -11.21 17.01
N GLU A 166 -2.05 -10.58 16.93
CA GLU A 166 -2.45 -9.57 17.91
C GLU A 166 -3.77 -10.03 18.52
N GLY A 167 -3.85 -10.06 19.84
CA GLY A 167 -5.08 -10.44 20.52
C GLY A 167 -5.15 -11.89 20.91
N ARG A 168 -6.02 -12.19 21.88
CA ARG A 168 -6.14 -13.54 22.42
C ARG A 168 -6.48 -14.60 21.36
N LEU A 169 -7.45 -14.30 20.49
CA LEU A 169 -7.88 -15.27 19.48
C LEU A 169 -6.72 -15.69 18.58
N LEU A 170 -6.04 -14.71 18.00
CA LEU A 170 -4.95 -14.98 17.06
C LEU A 170 -3.77 -15.64 17.79
N ASP A 171 -3.52 -15.22 19.02
CA ASP A 171 -2.47 -15.81 19.84
C ASP A 171 -2.70 -17.31 20.02
N LEU A 172 -3.93 -17.65 20.40
CA LEU A 172 -4.28 -19.05 20.63
C LEU A 172 -4.19 -19.85 19.33
N TRP A 173 -4.72 -19.28 18.25
CA TRP A 173 -4.74 -19.95 16.96
C TRP A 173 -3.31 -20.24 16.49
N ALA A 174 -2.44 -19.25 16.60
CA ALA A 174 -1.05 -19.42 16.19
C ALA A 174 -0.39 -20.52 17.01
N GLU A 175 -0.72 -20.57 18.30
CA GLU A 175 -0.16 -21.60 19.18
C GLU A 175 -0.68 -22.98 18.82
N LYS A 176 -1.96 -23.06 18.44
CA LYS A 176 -2.57 -24.32 18.07
C LYS A 176 -2.07 -24.84 16.71
N LEU A 177 -1.82 -23.93 15.78
CA LEU A 177 -1.20 -24.31 14.51
C LEU A 177 0.22 -24.79 14.76
N LYS A 178 0.96 -24.02 15.54
CA LYS A 178 2.33 -24.36 15.89
C LYS A 178 2.41 -25.76 16.49
N ASN A 179 1.51 -26.04 17.42
CA ASN A 179 1.52 -27.31 18.16
C ASN A 179 0.89 -28.48 17.41
N SER A 180 0.25 -28.21 16.29
CA SER A 180 -0.27 -29.29 15.45
C SER A 180 0.90 -30.00 14.77
N LYS A 181 0.61 -31.12 14.12
CA LYS A 181 1.63 -31.86 13.39
C LYS A 181 1.92 -31.21 12.04
N PHE A 182 1.12 -30.22 11.67
CA PHE A 182 1.17 -29.64 10.33
C PHE A 182 2.49 -28.96 9.98
N ARG A 183 2.89 -29.13 8.73
CA ARG A 183 3.97 -28.34 8.18
C ARG A 183 3.37 -26.96 7.86
N LEU A 184 4.07 -25.89 8.24
CA LEU A 184 3.58 -24.53 7.98
C LEU A 184 4.42 -23.81 6.92
N SER A 185 3.75 -23.29 5.89
CA SER A 185 4.43 -22.59 4.80
C SER A 185 3.99 -21.13 4.67
N ASP A 186 4.94 -20.24 4.45
CA ASP A 186 4.62 -18.84 4.18
C ASP A 186 4.01 -18.78 2.78
N VAL A 187 2.85 -18.14 2.67
CA VAL A 187 2.20 -17.99 1.38
C VAL A 187 2.00 -16.52 1.00
N ALA A 188 2.75 -15.63 1.64
CA ALA A 188 2.61 -14.20 1.33
C ALA A 188 2.83 -13.92 -0.16
N ASN A 189 3.76 -14.65 -0.77
CA ASN A 189 4.08 -14.47 -2.18
C ASN A 189 2.94 -14.93 -3.07
N GLY A 190 2.12 -15.83 -2.57
CA GLY A 190 0.98 -16.29 -3.33
C GLY A 190 -0.06 -15.18 -3.39
N PHE A 191 -0.39 -14.64 -2.23
CA PHE A 191 -1.33 -13.51 -2.17
C PHE A 191 -0.82 -12.30 -2.95
N SER A 192 0.48 -12.04 -2.88
CA SER A 192 1.09 -10.94 -3.63
C SER A 192 0.85 -11.08 -5.13
N ALA A 193 1.07 -12.28 -5.65
CA ALA A 193 0.83 -12.56 -7.06
C ALA A 193 -0.67 -12.42 -7.37
N LEU A 194 -1.51 -12.94 -6.50
CA LEU A 194 -2.95 -12.88 -6.67
C LEU A 194 -3.47 -11.45 -6.74
N PHE A 195 -2.95 -10.58 -5.88
CA PHE A 195 -3.42 -9.19 -5.81
C PHE A 195 -2.72 -8.30 -6.85
N ALA A 196 -1.70 -8.83 -7.52
CA ALA A 196 -0.81 -7.99 -8.35
C ALA A 196 -1.46 -7.31 -9.55
N ALA A 197 -2.26 -8.07 -10.30
CA ALA A 197 -2.93 -7.51 -11.47
C ALA A 197 -4.38 -7.17 -11.14
N LYS A 198 -4.71 -5.89 -11.21
CA LYS A 198 -6.05 -5.42 -10.86
C LYS A 198 -7.06 -5.59 -11.99
N SER A 199 -8.31 -5.85 -11.61
CA SER A 199 -9.42 -5.87 -12.57
C SER A 199 -9.74 -4.44 -12.97
N ASN A 200 -10.54 -4.27 -14.02
CA ASN A 200 -10.95 -2.94 -14.44
C ASN A 200 -11.68 -2.17 -13.33
N GLU A 201 -12.50 -2.88 -12.55
CA GLU A 201 -13.22 -2.24 -11.44
C GLU A 201 -12.23 -1.69 -10.42
N GLU A 202 -11.23 -2.50 -10.09
CA GLU A 202 -10.25 -2.12 -9.08
C GLU A 202 -9.43 -0.93 -9.57
N ILE A 203 -9.08 -0.95 -10.85
CA ILE A 203 -8.33 0.17 -11.43
C ILE A 203 -9.13 1.46 -11.36
N THR A 204 -10.45 1.34 -11.53
CA THR A 204 -11.30 2.52 -11.41
C THR A 204 -11.25 3.10 -10.01
N TYR A 205 -11.34 2.25 -8.99
CA TYR A 205 -11.26 2.73 -7.60
C TYR A 205 -9.92 3.40 -7.29
N ILE A 206 -8.83 2.82 -7.80
CA ILE A 206 -7.51 3.43 -7.62
C ILE A 206 -7.43 4.79 -8.32
N LYS A 207 -7.97 4.89 -9.53
CA LYS A 207 -7.99 6.17 -10.22
C LYS A 207 -8.82 7.21 -9.46
N ARG A 208 -9.97 6.79 -8.92
CA ARG A 208 -10.79 7.69 -8.10
C ARG A 208 -9.97 8.18 -6.90
N ALA A 209 -9.30 7.25 -6.22
CA ALA A 209 -8.47 7.56 -5.07
C ALA A 209 -7.37 8.52 -5.48
N ALA A 210 -6.68 8.21 -6.58
CA ALA A 210 -5.57 9.03 -7.06
C ALA A 210 -6.02 10.42 -7.51
N TYR A 211 -7.21 10.52 -8.10
CA TYR A 211 -7.76 11.83 -8.46
C TYR A 211 -7.92 12.71 -7.23
N LEU A 212 -8.48 12.15 -6.16
CA LEU A 212 -8.64 12.89 -4.91
C LEU A 212 -7.28 13.26 -4.33
N THR A 213 -6.38 12.28 -4.30
CA THR A 213 -5.01 12.51 -3.80
C THR A 213 -4.35 13.67 -4.52
N GLY A 214 -4.42 13.66 -5.85
CA GLY A 214 -3.84 14.72 -6.64
C GLY A 214 -4.54 16.05 -6.43
N SER A 215 -5.87 16.00 -6.31
CA SER A 215 -6.66 17.21 -6.11
C SER A 215 -6.32 17.87 -4.79
N VAL A 216 -6.12 17.05 -3.76
CA VAL A 216 -5.72 17.54 -2.46
C VAL A 216 -4.35 18.21 -2.52
N MET A 217 -3.39 17.59 -3.20
CA MET A 217 -2.07 18.19 -3.32
C MET A 217 -2.13 19.51 -4.08
N LYS A 218 -2.82 19.49 -5.21
CA LYS A 218 -2.86 20.67 -6.07
C LYS A 218 -3.71 21.80 -5.50
N ASN A 219 -4.91 21.47 -5.02
CA ASN A 219 -5.89 22.49 -4.67
C ASN A 219 -5.92 22.85 -3.19
N PHE A 220 -5.33 22.01 -2.35
CA PHE A 220 -5.18 22.42 -0.95
C PHE A 220 -3.71 22.65 -0.57
N VAL A 221 -2.90 21.60 -0.67
CA VAL A 221 -1.53 21.69 -0.15
C VAL A 221 -0.71 22.81 -0.79
N VAL A 222 -0.68 22.86 -2.13
CA VAL A 222 0.13 23.88 -2.78
C VAL A 222 -0.33 25.29 -2.41
N THR A 223 -1.63 25.51 -2.44
CA THR A 223 -2.23 26.78 -2.06
C THR A 223 -1.95 27.15 -0.60
N LYS A 224 -2.04 26.16 0.28
CA LYS A 224 -1.81 26.39 1.70
C LYS A 224 -0.36 26.80 1.94
N LEU A 225 0.57 26.04 1.35
CA LEU A 225 2.00 26.35 1.51
C LEU A 225 2.31 27.74 0.97
N GLU A 226 1.79 28.05 -0.23
CA GLU A 226 2.01 29.37 -0.82
C GLU A 226 1.51 30.50 0.09
N ASN A 227 0.32 30.33 0.66
CA ASN A 227 -0.25 31.32 1.56
C ASN A 227 0.58 31.50 2.83
N VAL A 228 1.00 30.36 3.40
CA VAL A 228 1.81 30.36 4.61
C VAL A 228 3.16 31.06 4.42
N ILE A 229 3.83 30.76 3.31
CA ILE A 229 5.11 31.39 3.01
C ILE A 229 4.93 32.88 2.70
N ASP A 230 3.88 33.20 1.95
CA ASP A 230 3.54 34.58 1.62
C ASP A 230 3.31 35.45 2.85
N GLU A 231 2.41 35.00 3.71
CA GLU A 231 2.02 35.77 4.90
C GLU A 231 2.99 35.57 6.06
N GLU A 232 4.07 34.83 5.81
CA GLU A 232 5.06 34.51 6.83
C GLU A 232 4.40 33.98 8.08
N LYS A 233 3.50 33.02 7.90
CA LYS A 233 2.77 32.42 9.00
C LYS A 233 3.62 31.36 9.68
N LYS A 234 3.34 31.12 10.96
CA LYS A 234 3.91 29.95 11.62
C LYS A 234 2.88 28.84 11.65
N ILE A 235 3.23 27.69 11.10
CA ILE A 235 2.35 26.53 11.13
C ILE A 235 3.18 25.27 11.44
N LEU A 236 2.67 24.43 12.34
CA LEU A 236 3.37 23.19 12.67
C LEU A 236 3.16 22.14 11.58
N HIS A 237 4.13 21.24 11.39
CA HIS A 237 3.97 20.20 10.38
C HIS A 237 2.75 19.35 10.70
N SER A 238 2.50 19.11 11.99
CA SER A 238 1.36 18.32 12.41
C SER A 238 0.00 19.00 12.16
N THR A 239 0.01 20.33 12.07
CA THR A 239 -1.21 21.07 11.75
C THR A 239 -1.48 20.95 10.26
N LEU A 240 -0.44 21.09 9.45
CA LEU A 240 -0.58 20.81 8.02
C LEU A 240 -1.13 19.40 7.81
N MET A 241 -0.63 18.46 8.61
CA MET A 241 -1.08 17.08 8.51
CA MET A 241 -1.08 17.07 8.51
C MET A 241 -2.57 16.96 8.82
N GLU A 242 -2.99 17.56 9.93
CA GLU A 242 -4.40 17.47 10.33
C GLU A 242 -5.32 18.15 9.33
N GLU A 243 -4.91 19.32 8.84
CA GLU A 243 -5.72 20.09 7.90
C GLU A 243 -5.87 19.34 6.57
N THR A 244 -4.81 18.65 6.17
CA THR A 244 -4.82 17.87 4.93
C THR A 244 -5.75 16.65 5.09
N GLU A 245 -5.67 16.01 6.26
CA GLU A 245 -6.59 14.92 6.57
C GLU A 245 -8.04 15.34 6.40
N LYS A 246 -8.39 16.50 6.96
CA LYS A 246 -9.76 16.99 6.91
C LYS A 246 -10.26 17.17 5.48
N VAL A 247 -9.37 17.63 4.61
CA VAL A 247 -9.73 17.84 3.22
C VAL A 247 -9.93 16.51 2.48
N ILE A 248 -9.09 15.53 2.79
CA ILE A 248 -9.26 14.20 2.21
C ILE A 248 -10.60 13.60 2.58
N LEU A 249 -10.94 13.67 3.88
CA LEU A 249 -12.16 13.07 4.41
C LEU A 249 -13.43 13.85 4.07
N ASP A 250 -13.26 15.11 3.66
CA ASP A 250 -14.36 15.85 3.08
C ASP A 250 -13.92 16.40 1.72
N PRO A 251 -13.77 15.51 0.73
CA PRO A 251 -13.25 15.85 -0.59
C PRO A 251 -14.01 16.98 -1.26
N ALA A 252 -15.22 17.26 -0.76
CA ALA A 252 -15.98 18.45 -1.13
C ALA A 252 -15.13 19.71 -0.94
N LYS A 253 -14.35 19.73 0.14
CA LYS A 253 -13.45 20.85 0.44
C LYS A 253 -12.47 21.17 -0.70
N VAL A 254 -12.34 20.25 -1.66
CA VAL A 254 -11.61 20.53 -2.88
C VAL A 254 -12.40 20.18 -4.14
N ASN A 255 -13.73 20.19 -4.02
CA ASN A 255 -14.62 19.90 -5.15
C ASN A 255 -14.25 18.60 -5.86
N CYS A 256 -14.44 17.47 -5.20
CA CYS A 256 -14.02 16.20 -5.78
C CYS A 256 -15.14 15.38 -6.43
N LYS A 257 -16.31 15.37 -5.79
CA LYS A 257 -17.46 14.59 -6.24
C LYS A 257 -17.24 13.07 -6.10
N LEU A 258 -16.56 12.68 -5.04
CA LEU A 258 -16.48 11.28 -4.64
C LEU A 258 -17.39 11.03 -3.44
N LYS A 259 -18.06 9.88 -3.44
CA LYS A 259 -18.84 9.48 -2.28
C LYS A 259 -17.95 9.45 -1.04
N ALA A 260 -18.17 10.42 -0.15
CA ALA A 260 -17.31 10.61 1.01
C ALA A 260 -17.28 9.40 1.95
N ASP A 261 -18.38 8.64 1.98
CA ASP A 261 -18.45 7.44 2.81
C ASP A 261 -17.45 6.38 2.36
N ASN A 262 -16.93 6.53 1.15
CA ASN A 262 -16.01 5.57 0.58
C ASN A 262 -14.56 5.98 0.74
N VAL A 263 -14.34 7.18 1.28
CA VAL A 263 -12.99 7.75 1.34
C VAL A 263 -12.34 7.62 2.72
N ASP A 264 -11.06 7.21 2.73
CA ASP A 264 -10.27 7.25 3.94
C ASP A 264 -8.86 7.76 3.61
N ILE A 265 -8.03 7.97 4.62
CA ILE A 265 -6.65 8.36 4.38
C ILE A 265 -5.78 7.10 4.42
N CYS A 266 -4.78 7.03 3.56
CA CYS A 266 -3.92 5.85 3.55
C CYS A 266 -2.96 5.84 4.72
N TYR A 267 -2.56 7.04 5.13
CA TYR A 267 -1.63 7.23 6.23
C TYR A 267 -1.72 8.70 6.61
N PRO A 268 -1.27 9.05 7.83
CA PRO A 268 -1.31 10.47 8.20
C PRO A 268 -0.37 11.23 7.29
N PRO A 269 -0.86 12.30 6.64
CA PRO A 269 -0.06 13.05 5.67
C PRO A 269 1.30 13.44 6.24
N ILE A 270 2.30 13.42 5.38
CA ILE A 270 3.67 13.67 5.83
C ILE A 270 4.10 15.04 5.36
N PHE A 271 4.47 15.89 6.30
CA PHE A 271 5.06 17.19 5.98
C PHE A 271 6.40 17.29 6.68
N GLN A 272 7.44 17.64 5.93
CA GLN A 272 8.79 17.73 6.50
C GLN A 272 9.50 18.96 5.95
N SER A 273 10.30 19.59 6.79
CA SER A 273 11.12 20.72 6.33
C SER A 273 12.21 20.95 7.37
N GLY A 274 13.02 21.98 7.14
CA GLY A 274 13.93 22.44 8.17
C GLY A 274 14.99 21.45 8.60
N GLY A 275 15.48 20.68 7.65
CA GLY A 275 16.61 19.81 7.92
C GLY A 275 16.26 18.49 8.58
N LYS A 276 14.97 18.26 8.83
CA LYS A 276 14.54 17.02 9.48
C LYS A 276 13.66 16.22 8.53
N PHE A 277 14.31 15.32 7.79
CA PHE A 277 13.60 14.54 6.77
C PHE A 277 13.70 13.06 7.08
N ASP A 278 12.77 12.29 6.55
CA ASP A 278 12.74 10.85 6.79
C ASP A 278 11.92 10.30 5.65
N LEU A 279 12.58 9.61 4.73
CA LEU A 279 11.88 9.13 3.56
C LEU A 279 11.25 7.75 3.73
N ARG A 280 11.34 7.18 4.93
CA ARG A 280 10.63 5.93 5.20
C ARG A 280 9.13 6.19 5.15
N PRO A 281 8.34 5.22 4.64
CA PRO A 281 6.91 5.48 4.49
C PRO A 281 6.20 5.65 5.84
N SER A 282 6.84 5.19 6.90
CA SER A 282 6.30 5.27 8.26
C SER A 282 6.54 6.61 8.94
N ALA A 283 7.14 7.56 8.22
CA ALA A 283 7.50 8.83 8.84
C ALA A 283 6.28 9.61 9.33
N VAL A 284 6.44 10.33 10.43
CA VAL A 284 5.33 11.09 11.00
C VAL A 284 5.63 12.58 11.08
N SER A 285 4.66 13.39 10.66
CA SER A 285 4.79 14.84 10.70
C SER A 285 5.00 15.29 12.14
N ASN A 286 6.07 16.03 12.38
CA ASN A 286 6.39 16.45 13.74
C ASN A 286 5.69 17.75 14.16
N ASP A 287 6.02 18.25 15.35
CA ASP A 287 5.41 19.48 15.88
C ASP A 287 6.29 20.71 15.69
N GLU A 288 7.28 20.61 14.80
CA GLU A 288 8.12 21.75 14.48
C GLU A 288 7.44 22.63 13.44
N ALA A 289 7.81 23.91 13.42
CA ALA A 289 7.24 24.86 12.47
C ALA A 289 7.77 24.61 11.08
N LEU A 290 6.93 24.81 10.07
CA LEU A 290 7.37 24.76 8.68
C LEU A 290 8.49 25.77 8.48
N TYR A 291 9.55 25.35 7.79
CA TYR A 291 10.71 26.22 7.60
C TYR A 291 10.85 26.56 6.14
N TYR A 292 10.97 27.86 5.84
CA TYR A 292 10.97 28.28 4.45
C TYR A 292 11.88 29.47 4.18
N ASP A 293 12.93 29.63 4.97
CA ASP A 293 13.91 30.66 4.66
C ASP A 293 14.75 30.24 3.45
N SER A 294 15.77 31.01 3.11
CA SER A 294 16.56 30.72 1.91
C SER A 294 17.17 29.33 1.92
N ALA A 295 17.32 28.75 0.72
CA ALA A 295 17.90 27.42 0.54
C ALA A 295 17.16 26.35 1.34
N SER A 296 15.85 26.34 1.20
CA SER A 296 15.00 25.42 1.95
C SER A 296 14.27 24.45 1.05
N VAL A 297 13.94 23.29 1.60
CA VAL A 297 13.07 22.37 0.86
C VAL A 297 11.97 21.88 1.79
N ILE A 298 10.83 21.55 1.20
CA ILE A 298 9.66 21.08 1.94
C ILE A 298 9.18 19.82 1.25
N ILE A 299 9.00 18.74 2.01
CA ILE A 299 8.49 17.49 1.44
C ILE A 299 7.06 17.26 1.92
N CYS A 300 6.16 16.94 0.99
N CYS A 300 6.18 16.89 0.99
CA CYS A 300 4.80 16.55 1.34
CA CYS A 300 4.79 16.59 1.31
C CYS A 300 4.42 15.26 0.63
C CYS A 300 4.37 15.28 0.63
N ALA A 301 3.95 14.29 1.42
CA ALA A 301 3.43 13.04 0.86
C ALA A 301 2.02 12.85 1.38
N VAL A 302 1.08 12.59 0.49
CA VAL A 302 -0.31 12.38 0.90
C VAL A 302 -0.92 11.24 0.11
N GLY A 303 -1.78 10.46 0.73
CA GLY A 303 -2.48 9.42 -0.03
C GLY A 303 -3.89 9.25 0.47
N ALA A 304 -4.84 9.23 -0.48
CA ALA A 304 -6.24 8.96 -0.19
C ALA A 304 -6.57 7.53 -0.59
N ARG A 305 -7.57 6.98 0.08
CA ARG A 305 -8.01 5.62 -0.16
C ARG A 305 -9.47 5.66 -0.57
N TYR A 306 -9.83 4.86 -1.57
CA TYR A 306 -11.20 4.87 -2.06
C TYR A 306 -11.74 3.45 -2.17
N LYS A 307 -12.83 3.17 -1.47
CA LYS A 307 -13.36 1.81 -1.37
C LYS A 307 -12.26 0.79 -1.07
N SER A 308 -11.37 1.18 -0.14
CA SER A 308 -10.23 0.38 0.32
C SER A 308 -9.01 0.37 -0.59
N TYR A 309 -9.10 1.02 -1.75
CA TYR A 309 -7.96 1.05 -2.69
C TYR A 309 -7.12 2.29 -2.51
N CYS A 310 -5.82 2.09 -2.30
CA CYS A 310 -4.91 3.15 -1.94
C CYS A 310 -4.34 3.86 -3.17
N SER A 311 -3.81 5.05 -2.92
CA SER A 311 -3.09 5.83 -3.93
C SER A 311 -2.08 6.65 -3.18
N ASN A 312 -1.15 7.27 -3.91
CA ASN A 312 -0.12 8.03 -3.25
C ASN A 312 0.43 9.13 -4.14
N ILE A 313 0.84 10.24 -3.54
CA ILE A 313 1.59 11.25 -4.29
C ILE A 313 2.57 11.87 -3.31
N ALA A 314 3.69 12.36 -3.82
CA ALA A 314 4.64 13.09 -2.97
C ALA A 314 5.29 14.12 -3.86
N ARG A 315 5.46 15.32 -3.31
CA ARG A 315 6.11 16.42 -4.02
C ARG A 315 7.08 17.11 -3.10
N THR A 316 8.12 17.70 -3.69
CA THR A 316 9.06 18.51 -2.93
C THR A 316 9.01 19.94 -3.48
N PHE A 317 8.96 20.90 -2.58
CA PHE A 317 8.94 22.31 -2.97
C PHE A 317 10.20 22.97 -2.49
N LEU A 318 10.74 23.88 -3.31
CA LEU A 318 12.04 24.44 -3.06
C LEU A 318 11.87 25.94 -2.90
N ILE A 319 12.44 26.48 -1.82
CA ILE A 319 12.32 27.90 -1.54
C ILE A 319 13.70 28.54 -1.65
N ASP A 320 13.91 29.35 -2.69
CA ASP A 320 15.20 29.98 -2.94
C ASP A 320 16.31 28.93 -2.92
N ALA A 321 16.08 27.84 -3.65
CA ALA A 321 16.98 26.69 -3.64
C ALA A 321 18.38 27.06 -4.06
N ASP A 322 19.38 26.48 -3.38
CA ASP A 322 20.76 26.68 -3.76
C ASP A 322 21.09 25.81 -4.99
N PRO A 323 22.28 25.97 -5.57
CA PRO A 323 22.54 25.21 -6.81
C PRO A 323 22.52 23.69 -6.65
N ILE A 324 22.87 23.18 -5.47
CA ILE A 324 22.93 21.74 -5.27
C ILE A 324 21.53 21.20 -5.11
N GLN A 325 20.71 21.91 -4.35
CA GLN A 325 19.31 21.52 -4.14
C GLN A 325 18.56 21.54 -5.48
N SER A 326 18.86 22.54 -6.31
CA SER A 326 18.19 22.69 -7.58
C SER A 326 18.58 21.57 -8.53
N LYS A 327 19.89 21.34 -8.65
CA LYS A 327 20.40 20.26 -9.50
C LYS A 327 19.85 18.91 -9.04
N ALA A 328 19.93 18.65 -7.74
CA ALA A 328 19.48 17.35 -7.23
C ALA A 328 18.01 17.14 -7.58
N TYR A 329 17.21 18.19 -7.47
CA TYR A 329 15.79 18.03 -7.78
C TYR A 329 15.59 17.70 -9.25
N GLU A 330 16.30 18.40 -10.13
CA GLU A 330 16.20 18.14 -11.56
C GLU A 330 16.58 16.70 -11.87
N VAL A 331 17.64 16.23 -11.23
CA VAL A 331 18.12 14.86 -11.43
C VAL A 331 17.11 13.84 -10.89
N LEU A 332 16.57 14.12 -9.71
CA LEU A 332 15.55 13.23 -9.13
C LEU A 332 14.34 13.10 -10.04
N LEU A 333 13.88 14.23 -10.58
CA LEU A 333 12.74 14.20 -11.50
C LEU A 333 13.01 13.35 -12.74
N LYS A 334 14.19 13.52 -13.32
CA LYS A 334 14.56 12.77 -14.53
C LYS A 334 14.67 11.29 -14.19
N ALA A 335 15.19 10.98 -13.01
CA ALA A 335 15.31 9.60 -12.56
C ALA A 335 13.94 8.96 -12.32
N GLN A 336 13.05 9.71 -11.67
CA GLN A 336 11.71 9.20 -11.42
C GLN A 336 10.97 8.94 -12.71
N GLU A 337 11.11 9.86 -13.67
CA GLU A 337 10.48 9.69 -14.98
C GLU A 337 11.03 8.47 -15.70
N ALA A 338 12.31 8.17 -15.46
CA ALA A 338 12.96 7.02 -16.10
C ALA A 338 12.41 5.70 -15.54
N VAL A 339 12.13 5.68 -14.23
CA VAL A 339 11.48 4.52 -13.65
C VAL A 339 10.12 4.32 -14.28
N ILE A 340 9.34 5.39 -14.33
CA ILE A 340 7.98 5.32 -14.88
C ILE A 340 8.02 4.84 -16.33
N GLY A 341 8.95 5.38 -17.09
CA GLY A 341 9.08 5.02 -18.49
C GLY A 341 9.52 3.59 -18.71
N SER A 342 10.12 2.98 -17.69
CA SER A 342 10.61 1.61 -17.79
C SER A 342 9.61 0.59 -17.28
N LEU A 343 8.55 1.05 -16.62
CA LEU A 343 7.53 0.13 -16.12
C LEU A 343 6.53 -0.20 -17.22
N LYS A 344 6.90 -1.18 -18.04
CA LYS A 344 6.11 -1.58 -19.19
C LYS A 344 6.02 -3.08 -19.16
N PRO A 345 4.90 -3.65 -19.64
CA PRO A 345 4.75 -5.11 -19.61
C PRO A 345 5.96 -5.83 -20.23
N GLY A 346 6.48 -6.80 -19.52
CA GLY A 346 7.58 -7.61 -20.03
C GLY A 346 8.93 -7.18 -19.48
N ASN A 347 8.98 -6.00 -18.87
CA ASN A 347 10.23 -5.51 -18.28
C ASN A 347 10.36 -5.90 -16.82
N LYS A 348 11.59 -6.12 -16.35
CA LYS A 348 11.83 -6.45 -14.94
C LYS A 348 11.74 -5.21 -14.06
N LEU A 349 11.19 -5.34 -12.86
CA LEU A 349 11.15 -4.21 -11.93
C LEU A 349 12.57 -3.71 -11.67
N SER A 350 13.53 -4.63 -11.63
CA SER A 350 14.93 -4.25 -11.41
C SER A 350 15.48 -3.38 -12.53
N ALA A 351 15.04 -3.62 -13.75
CA ALA A 351 15.50 -2.80 -14.86
C ALA A 351 14.96 -1.37 -14.69
N ALA A 352 13.74 -1.27 -14.17
CA ALA A 352 13.12 0.02 -13.93
C ALA A 352 13.86 0.79 -12.85
N TYR A 353 14.23 0.11 -11.77
CA TYR A 353 15.03 0.75 -10.73
C TYR A 353 16.39 1.18 -11.29
N LEU A 354 17.07 0.30 -12.01
CA LEU A 354 18.38 0.61 -12.54
C LEU A 354 18.35 1.72 -13.58
N ALA A 355 17.17 1.96 -14.17
CA ALA A 355 17.00 3.09 -15.08
C ALA A 355 17.20 4.41 -14.34
N ALA A 356 16.74 4.47 -13.08
CA ALA A 356 16.97 5.63 -12.22
C ALA A 356 18.44 5.76 -11.88
N VAL A 357 19.06 4.66 -11.47
CA VAL A 357 20.49 4.67 -11.14
C VAL A 357 21.31 5.19 -12.33
N SER A 358 20.97 4.73 -13.53
CA SER A 358 21.70 5.15 -14.72
C SER A 358 21.64 6.64 -14.95
N VAL A 359 20.47 7.22 -14.67
CA VAL A 359 20.27 8.66 -14.79
C VAL A 359 21.16 9.42 -13.82
N VAL A 360 21.16 9.00 -12.55
CA VAL A 360 21.96 9.67 -11.55
C VAL A 360 23.45 9.49 -11.83
N GLU A 361 23.84 8.29 -12.26
CA GLU A 361 25.25 8.03 -12.58
C GLU A 361 25.77 8.96 -13.68
N LYS A 362 24.91 9.23 -14.66
CA LYS A 362 25.28 10.12 -15.76
C LYS A 362 25.32 11.60 -15.36
N ASP A 363 24.27 12.06 -14.69
CA ASP A 363 24.08 13.49 -14.46
C ASP A 363 24.65 13.99 -13.12
N ALA A 364 24.75 13.11 -12.14
CA ALA A 364 25.26 13.47 -10.82
C ALA A 364 25.87 12.28 -10.08
N PRO A 365 27.04 11.80 -10.55
CA PRO A 365 27.59 10.55 -10.01
C PRO A 365 27.82 10.59 -8.50
N ASP A 366 28.14 11.76 -7.96
CA ASP A 366 28.38 11.89 -6.52
C ASP A 366 27.10 11.78 -5.69
N MET A 367 25.95 11.85 -6.35
CA MET A 367 24.67 11.75 -5.64
C MET A 367 24.09 10.34 -5.64
N VAL A 368 24.71 9.43 -6.40
CA VAL A 368 24.19 8.06 -6.52
C VAL A 368 23.99 7.41 -5.16
N SER A 369 24.97 7.58 -4.28
CA SER A 369 24.91 6.98 -2.95
C SER A 369 23.75 7.48 -2.09
N CYS A 370 23.14 8.61 -2.48
CA CYS A 370 22.04 9.14 -1.70
C CYS A 370 20.69 8.72 -2.24
N LEU A 371 20.67 8.07 -3.40
CA LEU A 371 19.41 7.65 -4.00
C LEU A 371 18.78 6.58 -3.11
N THR A 372 17.47 6.65 -2.92
CA THR A 372 16.77 5.65 -2.13
C THR A 372 17.00 4.27 -2.78
N LYS A 373 17.03 3.23 -1.96
CA LYS A 373 17.34 1.89 -2.46
C LYS A 373 16.13 1.26 -3.15
N SER A 374 14.97 1.88 -2.96
CA SER A 374 13.76 1.45 -3.63
C SER A 374 13.18 2.62 -4.41
N ALA A 375 12.51 2.32 -5.52
CA ALA A 375 11.79 3.35 -6.27
C ALA A 375 10.28 3.18 -6.09
N GLY A 376 9.89 2.39 -5.10
CA GLY A 376 8.47 2.26 -4.78
C GLY A 376 8.00 0.83 -4.74
N THR A 377 6.68 0.64 -4.71
CA THR A 377 6.09 -0.70 -4.58
C THR A 377 4.80 -0.80 -5.36
N GLY A 378 4.29 -2.01 -5.51
CA GLY A 378 2.91 -2.15 -5.93
C GLY A 378 2.00 -1.53 -4.90
N ILE A 379 0.78 -1.20 -5.31
CA ILE A 379 -0.18 -0.56 -4.42
C ILE A 379 -1.58 -1.00 -4.83
N GLY A 380 -2.45 -1.21 -3.84
CA GLY A 380 -3.82 -1.61 -4.10
C GLY A 380 -4.60 -1.51 -2.81
N ILE A 381 -5.27 -2.59 -2.42
CA ILE A 381 -5.86 -2.64 -1.09
C ILE A 381 -4.80 -2.41 -0.02
N GLU A 382 -3.64 -3.03 -0.18
CA GLU A 382 -2.49 -2.75 0.67
C GLU A 382 -1.79 -1.49 0.16
N PHE A 383 -1.40 -0.62 1.08
CA PHE A 383 -0.65 0.55 0.65
C PHE A 383 0.72 0.15 0.06
N ARG A 384 1.31 -0.88 0.64
CA ARG A 384 2.60 -1.35 0.20
C ARG A 384 2.54 -2.84 -0.14
N GLU A 385 2.59 -3.15 -1.43
CA GLU A 385 2.70 -4.53 -1.88
C GLU A 385 4.18 -4.93 -1.94
N SER A 386 4.65 -5.58 -0.88
CA SER A 386 6.07 -5.84 -0.71
C SER A 386 6.70 -6.71 -1.81
N GLY A 387 5.91 -7.63 -2.37
CA GLY A 387 6.40 -8.49 -3.44
C GLY A 387 6.68 -7.77 -4.75
N LEU A 388 6.22 -6.53 -4.85
CA LEU A 388 6.45 -5.72 -6.04
C LEU A 388 7.28 -4.49 -5.73
N ASN A 389 8.30 -4.65 -4.88
CA ASN A 389 9.20 -3.54 -4.60
C ASN A 389 10.10 -3.25 -5.80
N ILE A 390 10.07 -2.01 -6.28
CA ILE A 390 10.90 -1.63 -7.41
C ILE A 390 12.30 -1.38 -6.88
N ASN A 391 13.12 -2.42 -6.91
CA ASN A 391 14.52 -2.31 -6.47
C ASN A 391 15.42 -3.18 -7.34
N ALA A 392 16.74 -3.04 -7.16
CA ALA A 392 17.72 -3.74 -7.99
C ALA A 392 17.70 -5.26 -7.89
N LYS A 393 17.09 -5.80 -6.84
CA LYS A 393 17.09 -7.24 -6.63
C LYS A 393 15.79 -7.91 -7.06
N ASN A 394 14.81 -7.12 -7.48
CA ASN A 394 13.51 -7.67 -7.87
C ASN A 394 13.39 -7.91 -9.38
N ASP A 395 13.47 -9.16 -9.79
CA ASP A 395 13.42 -9.48 -11.20
C ASP A 395 12.03 -9.89 -11.65
N GLN A 396 11.02 -9.55 -10.83
CA GLN A 396 9.64 -9.78 -11.19
C GLN A 396 9.32 -9.02 -12.48
N ILE A 397 8.48 -9.60 -13.33
CA ILE A 397 8.15 -9.01 -14.62
C ILE A 397 6.88 -8.18 -14.54
N VAL A 398 6.93 -6.96 -15.07
CA VAL A 398 5.77 -6.07 -15.10
C VAL A 398 4.69 -6.71 -15.96
N LYS A 399 3.46 -6.69 -15.45
CA LYS A 399 2.30 -7.21 -16.18
C LYS A 399 1.21 -6.15 -16.26
N GLU A 400 0.45 -6.18 -17.36
CA GLU A 400 -0.76 -5.38 -17.49
C GLU A 400 -1.64 -5.51 -16.26
N GLY A 401 -2.15 -4.38 -15.76
CA GLY A 401 -3.03 -4.39 -14.61
C GLY A 401 -2.33 -4.16 -13.28
N MET A 402 -1.00 -4.19 -13.27
CA MET A 402 -0.28 -3.85 -12.06
C MET A 402 -0.39 -2.35 -11.82
N VAL A 403 -0.29 -1.96 -10.55
CA VAL A 403 -0.41 -0.56 -10.17
C VAL A 403 0.74 -0.27 -9.23
N PHE A 404 1.44 0.84 -9.48
CA PHE A 404 2.63 1.16 -8.68
C PHE A 404 2.58 2.53 -8.02
N ASN A 405 3.06 2.58 -6.78
CA ASN A 405 3.45 3.84 -6.13
C ASN A 405 4.92 3.99 -6.45
N VAL A 406 5.23 4.79 -7.47
CA VAL A 406 6.61 5.05 -7.87
C VAL A 406 7.09 6.22 -7.05
N SER A 407 7.90 5.91 -6.05
CA SER A 407 8.27 6.87 -5.02
C SER A 407 9.78 6.78 -4.90
N LEU A 408 10.45 7.86 -5.30
CA LEU A 408 11.89 7.86 -5.42
C LEU A 408 12.46 9.12 -4.76
N GLY A 409 13.55 8.97 -4.01
CA GLY A 409 14.11 10.10 -3.32
C GLY A 409 15.62 10.16 -3.25
N PHE A 410 16.11 11.29 -2.75
CA PHE A 410 17.51 11.42 -2.37
C PHE A 410 17.53 11.63 -0.88
N GLN A 411 18.35 10.85 -0.17
CA GLN A 411 18.43 10.96 1.29
C GLN A 411 19.76 11.53 1.74
N ASN A 412 19.70 12.58 2.56
CA ASN A 412 20.89 13.16 3.19
C ASN A 412 21.93 13.74 2.23
N LEU A 413 21.46 14.46 1.22
CA LEU A 413 22.35 15.30 0.44
C LEU A 413 22.82 16.44 1.32
N HIS A 414 23.94 17.06 0.95
CA HIS A 414 24.42 18.23 1.66
C HIS A 414 24.24 19.48 0.80
N CYS A 415 23.58 20.50 1.37
CA CYS A 415 23.35 21.74 0.64
C CYS A 415 24.62 22.56 0.58
N GLU A 416 24.57 23.64 -0.18
CA GLU A 416 25.76 24.46 -0.38
C GLU A 416 26.23 25.14 0.89
N ASN A 417 25.37 25.96 1.49
CA ASN A 417 25.75 26.65 2.71
C ASN A 417 25.47 25.77 3.91
N SER A 418 26.53 25.22 4.49
CA SER A 418 26.39 24.24 5.56
C SER A 418 25.98 24.87 6.89
N LYS A 419 25.96 26.20 6.95
CA LYS A 419 25.44 26.87 8.14
C LYS A 419 23.90 26.90 8.11
N SER A 420 23.33 26.50 6.98
CA SER A 420 21.89 26.54 6.79
C SER A 420 21.13 25.45 7.56
N LYS A 421 19.85 25.71 7.79
CA LYS A 421 18.98 24.78 8.49
C LYS A 421 18.91 23.43 7.75
N ASN A 422 19.01 23.50 6.43
CA ASN A 422 18.95 22.32 5.57
C ASN A 422 20.32 21.85 5.11
N LYS A 423 21.33 22.09 5.94
CA LYS A 423 22.70 21.59 5.75
C LYS A 423 22.70 20.18 5.20
N VAL A 424 21.88 19.34 5.82
CA VAL A 424 21.59 18.02 5.27
C VAL A 424 20.10 18.05 4.90
N PHE A 425 19.78 17.69 3.66
CA PHE A 425 18.40 17.71 3.21
C PHE A 425 18.07 16.47 2.40
N SER A 426 16.77 16.25 2.17
CA SER A 426 16.35 15.14 1.32
C SER A 426 15.32 15.67 0.32
N LEU A 427 15.05 14.87 -0.72
CA LEU A 427 14.06 15.21 -1.74
C LEU A 427 13.25 13.95 -2.04
N LEU A 428 12.00 14.14 -2.42
CA LEU A 428 11.10 13.01 -2.68
C LEU A 428 10.07 13.32 -3.76
N LEU A 429 9.90 12.37 -4.69
CA LEU A 429 8.84 12.45 -5.69
C LEU A 429 8.10 11.13 -5.72
N ALA A 430 6.77 11.19 -5.69
CA ALA A 430 5.97 9.97 -5.82
C ALA A 430 4.75 10.20 -6.67
N ASP A 431 4.44 9.19 -7.47
CA ASP A 431 3.18 9.18 -8.22
C ASP A 431 2.57 7.79 -8.22
N THR A 432 1.27 7.72 -8.52
CA THR A 432 0.58 6.43 -8.70
C THR A 432 0.41 6.18 -10.18
N ILE A 433 0.86 5.02 -10.64
CA ILE A 433 0.76 4.73 -12.08
C ILE A 433 0.04 3.42 -12.34
N ILE A 434 -0.67 3.35 -13.47
CA ILE A 434 -1.42 2.14 -13.82
C ILE A 434 -0.79 1.56 -15.06
N ILE A 435 -0.46 0.27 -15.04
CA ILE A 435 0.14 -0.36 -16.21
C ILE A 435 -0.95 -0.90 -17.09
N ASN A 436 -1.18 -0.26 -18.23
CA ASN A 436 -2.08 -0.84 -19.21
C ASN A 436 -1.26 -1.50 -20.31
N LYS A 437 -1.93 -2.27 -21.17
CA LYS A 437 -1.24 -2.99 -22.22
C LYS A 437 -0.47 -2.08 -23.15
N ASP A 438 -1.08 -0.95 -23.49
CA ASP A 438 -0.57 -0.07 -24.52
C ASP A 438 0.05 1.24 -24.01
N LYS A 439 -0.19 1.57 -22.75
CA LYS A 439 0.36 2.79 -22.17
C LYS A 439 0.38 2.72 -20.65
N THR A 440 1.24 3.53 -20.07
CA THR A 440 1.34 3.62 -18.62
C THR A 440 0.73 4.94 -18.19
N ASP A 441 -0.31 4.87 -17.36
CA ASP A 441 -1.07 6.04 -16.95
C ASP A 441 -0.58 6.59 -15.63
N VAL A 442 -0.13 7.84 -15.60
CA VAL A 442 0.24 8.46 -14.33
C VAL A 442 -1.03 9.12 -13.82
N VAL A 443 -1.68 8.52 -12.84
CA VAL A 443 -3.03 8.96 -12.46
C VAL A 443 -3.02 10.03 -11.36
N THR A 444 -1.83 10.41 -10.92
CA THR A 444 -1.67 11.55 -10.02
C THR A 444 -1.01 12.72 -10.74
N SER A 445 -1.18 12.79 -12.05
CA SER A 445 -0.65 13.93 -12.81
C SER A 445 -1.43 15.20 -12.48
N ILE A 446 -0.76 16.19 -11.88
CA ILE A 446 -1.46 17.39 -11.43
C ILE A 446 -0.81 18.68 -11.91
N GLY A 447 0.12 18.55 -12.84
CA GLY A 447 0.80 19.72 -13.37
C GLY A 447 2.29 19.50 -13.34
N SER A 448 3.03 20.36 -14.05
CA SER A 448 4.47 20.19 -14.20
C SER A 448 5.21 20.01 -12.88
N LYS A 449 6.04 18.97 -12.85
CA LYS A 449 6.90 18.70 -11.71
C LYS A 449 8.23 19.37 -11.91
N ALA A 450 8.39 20.06 -13.03
CA ALA A 450 9.65 20.72 -13.36
C ALA A 450 9.97 21.70 -12.26
N LEU A 451 11.26 21.88 -12.04
CA LEU A 451 11.79 22.79 -11.03
C LEU A 451 11.09 24.14 -11.01
N LYS A 452 10.93 24.74 -12.18
CA LYS A 452 10.36 26.08 -12.30
C LYS A 452 8.96 26.17 -11.68
N ASP A 453 8.26 25.05 -11.65
CA ASP A 453 6.89 25.03 -11.16
C ASP A 453 6.74 24.62 -9.68
N VAL A 454 7.81 24.11 -9.08
CA VAL A 454 7.79 23.75 -7.66
C VAL A 454 8.78 24.57 -6.86
N ALA A 455 9.44 25.51 -7.54
CA ALA A 455 10.41 26.41 -6.92
C ALA A 455 9.80 27.78 -6.70
N TYR A 456 10.10 28.38 -5.55
CA TYR A 456 9.59 29.69 -5.22
C TYR A 456 10.77 30.58 -4.80
N SER A 457 10.68 31.87 -5.13
CA SER A 457 11.75 32.81 -4.81
C SER A 457 11.26 33.95 -3.92
#